data_7W1B
#
_entry.id   7W1B
#
_cell.length_a   53.351
_cell.length_b   74.141
_cell.length_c   63.588
_cell.angle_alpha   90.000
_cell.angle_beta   95.760
_cell.angle_gamma   90.000
#
_symmetry.space_group_name_H-M   'P 1 21 1'
#
loop_
_entity.id
_entity.type
_entity.pdbx_description
1 polymer Glycosyltransferase
2 non-polymer "URIDINE-5'-DIPHOSPHATE"
3 non-polymer 2-AMINO-2-HYDROXYMETHYL-PROPANE-1,3-DIOL
4 non-polymer DIGITOXIGENIN
5 water water
#
_entity_poly.entity_id   1
_entity_poly.type   'polypeptide(L)'
_entity_poly.pdbx_seq_one_letter_code
;GSHMGTIEISSPSKTHILAFPFPEKGHINPMLHLCNRLASKGFRVTLITTISTYKDVKNKIKCKSKGGLINLESIPDGTD
KNLGMNGYFNQFKNSVTESVAGIIEEYKLGHDFPPPKVLIYDSTMPWMLDVAHGHGILGASLFTQPCCVSVVYYHMLQGT
IDFHREQSSSSKVLLLPCLPPLEDRDLPEFDYFKEDSGFVSNLLLNQFLNIDKIDYVLFNTFEMLESEIANWMSNKWKIL
TIGPTAPTAAAAAAANNYLFETNTEVCMKWLDEREPNSVIYVSFGSIASLTEQQMEEISQALFTTNFNFLWVVREEERTK
LPNCLNNNNNNNNNPSSESFTTAAGKLGLIINWCPQLDVLRHESVACFMTHCGWNSTLEAISSGVPMICVPQWVDQTTNA
KFIQDVWKIGVRVNNNNGENGGLVKKEEIERCIKEVCESEKGKELKRNAMKWKDLSKEAVSEGGSSDTNLEYFASTLLFY
;
_entity_poly.pdbx_strand_id   A
#
# COMPACT_ATOMS: atom_id res chain seq x y z
N GLY A 1 18.83 46.49 -22.34
CA GLY A 1 19.42 47.62 -21.64
C GLY A 1 18.49 48.39 -20.71
N SER A 2 18.91 49.61 -20.35
CA SER A 2 18.12 50.59 -19.59
C SER A 2 17.97 50.27 -18.10
N HIS A 3 17.39 49.12 -17.75
CA HIS A 3 17.06 48.78 -16.38
C HIS A 3 18.26 48.14 -15.65
N MET A 4 18.14 48.05 -14.33
CA MET A 4 19.19 47.47 -13.51
C MET A 4 18.54 46.72 -12.37
N GLY A 5 18.91 45.46 -12.20
CA GLY A 5 18.29 44.65 -11.17
C GLY A 5 18.63 43.19 -11.37
N THR A 6 18.22 42.41 -10.39
CA THR A 6 18.45 40.98 -10.38
C THR A 6 17.11 40.26 -10.37
N ILE A 7 17.00 39.25 -11.22
CA ILE A 7 15.87 38.33 -11.20
C ILE A 7 16.31 37.07 -10.49
N GLU A 8 15.46 36.51 -9.64
CA GLU A 8 15.72 35.21 -9.05
C GLU A 8 14.63 34.22 -9.45
N ILE A 9 15.05 33.01 -9.81
CA ILE A 9 14.17 32.00 -10.37
C ILE A 9 14.07 30.84 -9.39
N SER A 10 12.84 30.46 -9.05
CA SER A 10 12.59 29.28 -8.24
C SER A 10 11.91 28.26 -9.14
N SER A 11 12.60 27.16 -9.39
CA SER A 11 12.14 26.13 -10.31
C SER A 11 12.38 24.76 -9.67
N PRO A 12 11.73 23.72 -10.17
CA PRO A 12 11.95 22.39 -9.56
C PRO A 12 13.41 21.97 -9.57
N SER A 13 14.18 22.29 -10.63
CA SER A 13 15.54 21.76 -10.75
C SER A 13 16.47 22.26 -9.65
N LYS A 14 16.17 23.40 -9.03
CA LYS A 14 16.93 23.87 -7.87
C LYS A 14 16.13 23.78 -6.58
N THR A 15 15.21 22.81 -6.49
CA THR A 15 14.40 22.58 -5.30
C THR A 15 14.62 21.14 -4.87
N HIS A 16 14.94 20.92 -3.60
CA HIS A 16 15.41 19.64 -3.10
C HIS A 16 14.36 19.05 -2.17
N ILE A 17 13.82 17.89 -2.56
CA ILE A 17 12.81 17.16 -1.80
C ILE A 17 13.47 15.97 -1.10
N LEU A 18 13.25 15.85 0.21
CA LEU A 18 13.68 14.66 0.96
C LEU A 18 12.48 13.74 1.18
N ALA A 19 12.72 12.43 1.12
CA ALA A 19 11.67 11.45 1.29
C ALA A 19 12.17 10.31 2.15
N PHE A 20 11.33 9.89 3.12
CA PHE A 20 11.75 8.94 4.16
C PHE A 20 10.61 7.97 4.45
N PRO A 21 10.58 6.82 3.79
CA PRO A 21 9.50 5.86 4.04
C PRO A 21 9.77 5.01 5.28
N PHE A 22 8.67 4.51 5.86
CA PHE A 22 8.80 3.44 6.85
C PHE A 22 9.42 2.22 6.17
N PRO A 23 10.35 1.51 6.83
CA PRO A 23 11.14 0.48 6.15
C PRO A 23 10.42 -0.85 5.91
N GLU A 24 9.26 -0.78 5.29
CA GLU A 24 8.55 -1.97 4.81
C GLU A 24 8.05 -1.70 3.40
N LYS A 25 7.90 -2.77 2.60
CA LYS A 25 7.72 -2.60 1.16
C LYS A 25 6.39 -1.94 0.81
N GLY A 26 5.34 -2.19 1.59
CA GLY A 26 4.09 -1.47 1.41
C GLY A 26 4.16 0.02 1.73
N HIS A 27 5.24 0.48 2.36
CA HIS A 27 5.53 1.90 2.57
C HIS A 27 6.59 2.43 1.61
N ILE A 28 7.64 1.65 1.39
CA ILE A 28 8.70 2.02 0.44
C ILE A 28 8.14 2.20 -0.97
N ASN A 29 7.36 1.24 -1.45
CA ASN A 29 6.94 1.25 -2.85
C ASN A 29 6.10 2.46 -3.22
N PRO A 30 5.02 2.82 -2.51
CA PRO A 30 4.29 4.03 -2.88
C PRO A 30 5.14 5.29 -2.80
N MET A 31 6.07 5.35 -1.85
CA MET A 31 6.97 6.48 -1.74
C MET A 31 7.87 6.59 -2.96
N LEU A 32 8.45 5.47 -3.38
CA LEU A 32 9.34 5.48 -4.54
C LEU A 32 8.59 5.92 -5.80
N HIS A 33 7.35 5.43 -5.97
CA HIS A 33 6.56 5.88 -7.11
C HIS A 33 6.34 7.39 -7.06
N LEU A 34 6.03 7.92 -5.88
CA LEU A 34 5.87 9.36 -5.76
C LEU A 34 7.17 10.10 -6.08
N CYS A 35 8.30 9.59 -5.59
CA CYS A 35 9.60 10.18 -5.91
C CYS A 35 9.89 10.17 -7.40
N ASN A 36 9.54 9.07 -8.08
CA ASN A 36 9.71 9.01 -9.53
C ASN A 36 8.90 10.11 -10.20
N ARG A 37 7.64 10.27 -9.80
CA ARG A 37 6.84 11.35 -10.37
C ARG A 37 7.47 12.72 -10.09
N LEU A 38 7.99 12.93 -8.89
CA LEU A 38 8.55 14.24 -8.55
C LEU A 38 9.84 14.50 -9.32
N ALA A 39 10.68 13.48 -9.51
CA ALA A 39 11.89 13.68 -10.32
C ALA A 39 11.51 13.99 -11.77
N SER A 40 10.46 13.34 -12.29
CA SER A 40 10.00 13.62 -13.65
C SER A 40 9.57 15.07 -13.81
N LYS A 41 9.06 15.71 -12.74
CA LYS A 41 8.74 17.13 -12.78
C LYS A 41 9.98 18.01 -12.67
N GLY A 42 11.15 17.42 -12.44
CA GLY A 42 12.43 18.11 -12.45
C GLY A 42 13.01 18.31 -11.08
N PHE A 43 12.32 17.93 -10.01
CA PHE A 43 12.83 18.18 -8.67
C PHE A 43 14.06 17.33 -8.39
N ARG A 44 14.95 17.86 -7.55
CA ARG A 44 15.98 17.03 -6.97
C ARG A 44 15.37 16.28 -5.79
N VAL A 45 15.54 14.97 -5.78
CA VAL A 45 14.85 14.10 -4.84
C VAL A 45 15.90 13.20 -4.20
N THR A 46 15.93 13.19 -2.86
CA THR A 46 16.79 12.29 -2.09
C THR A 46 15.91 11.37 -1.25
N LEU A 47 16.06 10.06 -1.47
CA LEU A 47 15.34 9.04 -0.72
C LEU A 47 16.24 8.54 0.41
N ILE A 48 15.76 8.65 1.64
CA ILE A 48 16.48 8.19 2.82
C ILE A 48 15.84 6.89 3.29
N THR A 49 16.64 5.84 3.45
CA THR A 49 16.09 4.56 3.88
C THR A 49 17.06 3.85 4.83
N THR A 50 16.52 2.93 5.64
CA THR A 50 17.36 2.21 6.58
C THR A 50 18.31 1.27 5.84
N ILE A 51 19.49 1.06 6.44
CA ILE A 51 20.55 0.27 5.84
C ILE A 51 20.04 -1.11 5.40
N SER A 52 19.14 -1.71 6.19
CA SER A 52 18.67 -3.05 5.87
C SER A 52 17.67 -3.10 4.71
N THR A 53 17.10 -1.97 4.31
CA THR A 53 16.27 -1.94 3.10
C THR A 53 17.00 -1.30 1.92
N TYR A 54 18.21 -0.79 2.14
CA TYR A 54 18.89 0.06 1.16
C TYR A 54 19.14 -0.68 -0.14
N LYS A 55 19.63 -1.92 -0.06
CA LYS A 55 19.93 -2.67 -1.28
C LYS A 55 18.67 -2.94 -2.07
N ASP A 56 17.57 -3.22 -1.38
CA ASP A 56 16.27 -3.40 -2.03
C ASP A 56 15.88 -2.13 -2.80
N VAL A 57 15.98 -0.97 -2.15
CA VAL A 57 15.64 0.27 -2.82
C VAL A 57 16.58 0.55 -3.99
N LYS A 58 17.89 0.34 -3.78
CA LYS A 58 18.86 0.56 -4.85
C LYS A 58 18.55 -0.29 -6.07
N ASN A 59 18.21 -1.57 -5.87
CA ASN A 59 17.87 -2.45 -6.98
C ASN A 59 16.62 -1.97 -7.73
N LYS A 60 15.74 -1.23 -7.07
CA LYS A 60 14.47 -0.84 -7.64
C LYS A 60 14.55 0.44 -8.46
N ILE A 61 15.51 1.32 -8.15
CA ILE A 61 15.59 2.65 -8.74
C ILE A 61 16.45 2.65 -10.00
N LEU A 69 17.89 9.26 -11.52
CA LEU A 69 17.41 10.56 -11.06
C LEU A 69 17.36 10.70 -9.53
N ILE A 70 17.11 9.59 -8.81
CA ILE A 70 16.87 9.63 -7.37
C ILE A 70 18.19 9.47 -6.61
N ASN A 71 18.46 10.41 -5.70
CA ASN A 71 19.61 10.31 -4.82
C ASN A 71 19.25 9.44 -3.63
N LEU A 72 20.17 8.57 -3.23
CA LEU A 72 19.88 7.54 -2.24
C LEU A 72 20.80 7.72 -1.05
N GLU A 73 20.21 7.84 0.14
CA GLU A 73 20.94 7.93 1.39
C GLU A 73 20.50 6.81 2.31
N SER A 74 21.46 6.18 2.98
CA SER A 74 21.14 5.19 3.99
C SER A 74 21.30 5.79 5.40
N ILE A 75 20.47 5.29 6.31
CA ILE A 75 20.62 5.58 7.74
C ILE A 75 20.65 4.26 8.49
N PRO A 76 21.25 4.23 9.67
CA PRO A 76 21.27 2.99 10.47
C PRO A 76 19.87 2.51 10.85
N ASP A 77 19.77 1.20 11.08
CA ASP A 77 18.48 0.53 11.25
C ASP A 77 17.74 0.99 12.50
N GLY A 78 18.47 1.20 13.60
CA GLY A 78 17.83 1.43 14.90
C GLY A 78 17.04 0.25 15.43
N THR A 79 17.41 -0.97 15.05
CA THR A 79 16.63 -2.18 15.32
C THR A 79 17.47 -3.12 16.18
N ASP A 80 17.19 -3.12 17.49
CA ASP A 80 17.91 -3.99 18.42
C ASP A 80 17.63 -5.48 18.19
N LYS A 81 16.48 -5.82 17.59
CA LYS A 81 16.12 -7.18 17.23
C LYS A 81 15.88 -8.07 18.46
N ASN A 82 16.24 -7.56 19.65
CA ASN A 82 16.10 -8.30 20.90
C ASN A 82 15.08 -7.69 21.85
N LEU A 83 14.47 -6.55 21.51
CA LEU A 83 13.52 -5.90 22.40
C LEU A 83 12.09 -6.18 21.96
N GLY A 84 11.16 -6.04 22.90
CA GLY A 84 9.75 -6.09 22.60
C GLY A 84 9.35 -4.95 21.68
N MET A 85 8.09 -4.98 21.23
CA MET A 85 7.65 -4.04 20.19
C MET A 85 7.76 -2.59 20.66
N ASN A 86 7.44 -2.33 21.94
CA ASN A 86 7.45 -0.97 22.44
C ASN A 86 8.86 -0.41 22.50
N GLY A 87 9.80 -1.17 23.08
CA GLY A 87 11.18 -0.72 23.13
C GLY A 87 11.85 -0.70 21.78
N TYR A 88 11.51 -1.65 20.92
CA TYR A 88 12.00 -1.66 19.54
C TYR A 88 11.63 -0.38 18.82
N PHE A 89 10.36 0.01 18.87
CA PHE A 89 9.89 1.17 18.13
C PHE A 89 10.46 2.45 18.69
N ASN A 90 10.61 2.54 20.01
CA ASN A 90 11.12 3.77 20.61
C ASN A 90 12.59 3.97 20.30
N GLN A 91 13.38 2.90 20.33
CA GLN A 91 14.75 2.99 19.84
C GLN A 91 14.77 3.37 18.37
N PHE A 92 13.90 2.76 17.56
CA PHE A 92 13.79 3.13 16.15
C PHE A 92 13.51 4.62 16.01
N LYS A 93 12.49 5.11 16.73
CA LYS A 93 12.15 6.53 16.68
C LYS A 93 13.35 7.41 17.03
N ASN A 94 14.06 7.09 18.12
CA ASN A 94 15.19 7.90 18.56
C ASN A 94 16.31 7.90 17.53
N SER A 95 16.63 6.72 16.98
CA SER A 95 17.73 6.62 16.02
C SER A 95 17.44 7.41 14.76
N VAL A 96 16.26 7.20 14.14
CA VAL A 96 16.00 7.84 12.86
C VAL A 96 15.76 9.32 13.04
N THR A 97 15.32 9.75 14.23
CA THR A 97 15.15 11.17 14.50
C THR A 97 16.49 11.91 14.34
N GLU A 98 17.52 11.46 15.06
CA GLU A 98 18.84 12.08 14.93
C GLU A 98 19.47 11.81 13.58
N SER A 99 19.22 10.64 12.98
CA SER A 99 19.81 10.32 11.69
C SER A 99 19.35 11.30 10.62
N VAL A 100 18.04 11.50 10.51
CA VAL A 100 17.50 12.33 9.45
C VAL A 100 17.79 13.80 9.72
N ALA A 101 17.70 14.21 10.99
CA ALA A 101 18.13 15.55 11.37
C ALA A 101 19.55 15.80 10.90
N GLY A 102 20.43 14.82 11.06
CA GLY A 102 21.80 14.99 10.61
C GLY A 102 21.87 15.22 9.12
N ILE A 103 21.15 14.41 8.34
CA ILE A 103 21.14 14.55 6.88
C ILE A 103 20.62 15.91 6.47
N ILE A 104 19.54 16.37 7.10
CA ILE A 104 19.02 17.70 6.79
C ILE A 104 20.10 18.75 6.97
N GLU A 105 20.90 18.61 8.02
CA GLU A 105 21.90 19.64 8.31
C GLU A 105 23.09 19.56 7.35
N GLU A 106 23.59 18.36 7.07
CA GLU A 106 24.59 18.23 6.01
C GLU A 106 24.11 18.92 4.74
N TYR A 107 22.89 18.60 4.29
CA TYR A 107 22.40 19.20 3.06
C TYR A 107 22.13 20.69 3.20
N LYS A 108 21.78 21.17 4.40
CA LYS A 108 21.61 22.61 4.58
C LYS A 108 22.92 23.37 4.38
N LEU A 109 24.05 22.73 4.67
CA LEU A 109 25.36 23.35 4.54
C LEU A 109 26.08 22.94 3.26
N GLY A 110 25.50 22.04 2.47
CA GLY A 110 26.17 21.53 1.30
C GLY A 110 26.23 22.57 0.19
N HIS A 111 26.79 22.13 -0.94
CA HIS A 111 26.90 23.00 -2.10
C HIS A 111 26.62 22.32 -3.43
N ASP A 112 26.70 20.99 -3.54
CA ASP A 112 26.27 20.36 -4.78
C ASP A 112 24.75 20.46 -4.94
N PHE A 113 24.01 20.00 -3.91
CA PHE A 113 22.56 19.95 -3.84
C PHE A 113 21.99 21.26 -3.31
N PRO A 114 20.73 21.55 -3.64
CA PRO A 114 20.01 22.62 -2.93
C PRO A 114 19.72 22.20 -1.50
N PRO A 115 19.57 23.16 -0.59
CA PRO A 115 19.15 22.80 0.77
C PRO A 115 17.75 22.23 0.74
N PRO A 116 17.42 21.35 1.69
CA PRO A 116 16.12 20.68 1.64
C PRO A 116 14.98 21.67 1.79
N LYS A 117 13.98 21.56 0.92
CA LYS A 117 12.79 22.40 1.05
C LYS A 117 11.69 21.73 1.86
N VAL A 118 11.58 20.41 1.76
CA VAL A 118 10.49 19.66 2.39
C VAL A 118 11.00 18.27 2.72
N LEU A 119 10.44 17.67 3.77
CA LEU A 119 10.65 16.26 4.05
C LEU A 119 9.29 15.57 3.90
N ILE A 120 9.22 14.63 2.96
CA ILE A 120 8.07 13.74 2.87
C ILE A 120 8.38 12.53 3.74
N TYR A 121 7.62 12.35 4.80
CA TYR A 121 7.84 11.26 5.75
C TYR A 121 6.59 10.38 5.84
N ASP A 122 6.82 9.15 6.26
CA ASP A 122 5.73 8.20 6.38
C ASP A 122 4.77 8.64 7.48
N SER A 123 3.46 8.58 7.18
CA SER A 123 2.44 9.06 8.11
C SER A 123 2.52 8.36 9.47
N THR A 124 3.06 7.14 9.53
CA THR A 124 3.19 6.44 10.79
C THR A 124 4.42 6.86 11.60
N MET A 125 5.17 7.85 11.12
CA MET A 125 6.31 8.40 11.84
C MET A 125 6.05 9.89 12.12
N PRO A 126 4.96 10.22 12.83
CA PRO A 126 4.53 11.62 12.91
C PRO A 126 5.51 12.51 13.66
N TRP A 127 6.39 11.93 14.47
CA TRP A 127 7.43 12.70 15.14
C TRP A 127 8.41 13.31 14.15
N MET A 128 8.42 12.82 12.91
CA MET A 128 9.27 13.36 11.84
C MET A 128 8.86 14.76 11.43
N LEU A 129 7.61 15.16 11.68
CA LEU A 129 7.19 16.54 11.46
C LEU A 129 7.95 17.50 12.38
N ASP A 130 8.22 17.05 13.62
CA ASP A 130 9.01 17.85 14.54
C ASP A 130 10.45 18.01 14.05
N VAL A 131 10.98 16.99 13.37
CA VAL A 131 12.33 17.08 12.83
C VAL A 131 12.38 18.12 11.70
N ALA A 132 11.41 18.03 10.77
CA ALA A 132 11.38 18.96 9.65
C ALA A 132 11.19 20.39 10.13
N HIS A 133 10.22 20.61 11.03
CA HIS A 133 9.95 21.97 11.49
C HIS A 133 11.08 22.50 12.39
N GLY A 134 11.63 21.64 13.25
CA GLY A 134 12.77 22.04 14.04
C GLY A 134 13.99 22.42 13.24
N HIS A 135 14.11 21.91 12.00
CA HIS A 135 15.25 22.24 11.15
C HIS A 135 14.88 23.21 10.03
N GLY A 136 13.73 23.87 10.13
CA GLY A 136 13.41 24.95 9.25
C GLY A 136 12.82 24.59 7.91
N ILE A 137 12.37 23.35 7.71
CA ILE A 137 11.81 22.96 6.43
C ILE A 137 10.37 22.46 6.59
N LEU A 138 9.68 22.34 5.47
CA LEU A 138 8.30 21.90 5.46
C LEU A 138 8.21 20.40 5.72
N GLY A 139 7.05 19.98 6.22
CA GLY A 139 6.77 18.57 6.39
C GLY A 139 5.56 18.10 5.59
N ALA A 140 5.71 17.01 4.85
CA ALA A 140 4.59 16.38 4.14
C ALA A 140 4.44 14.95 4.63
N SER A 141 3.24 14.62 5.12
CA SER A 141 2.96 13.30 5.67
C SER A 141 2.28 12.44 4.59
N LEU A 142 2.92 11.34 4.22
CA LEU A 142 2.39 10.44 3.21
C LEU A 142 1.67 9.28 3.91
N PHE A 143 0.35 9.29 3.83
CA PHE A 143 -0.44 8.13 4.25
C PHE A 143 -0.37 7.03 3.20
N THR A 144 -0.24 5.78 3.64
CA THR A 144 -0.16 4.63 2.74
C THR A 144 -1.39 3.74 2.80
N GLN A 145 -2.47 4.20 3.43
CA GLN A 145 -3.74 3.50 3.53
C GLN A 145 -4.82 4.38 2.89
N PRO A 146 -5.97 3.82 2.55
CA PRO A 146 -7.01 4.65 1.94
C PRO A 146 -7.58 5.65 2.94
N CYS A 147 -8.27 6.66 2.40
CA CYS A 147 -8.94 7.64 3.24
C CYS A 147 -9.93 6.98 4.19
N CYS A 148 -10.68 5.98 3.72
CA CYS A 148 -11.81 5.47 4.48
C CYS A 148 -11.35 4.82 5.78
N VAL A 149 -10.33 3.97 5.71
CA VAL A 149 -9.86 3.33 6.93
C VAL A 149 -9.06 4.30 7.79
N SER A 150 -8.37 5.27 7.18
CA SER A 150 -7.64 6.26 7.94
C SER A 150 -8.57 7.06 8.86
N VAL A 151 -9.76 7.41 8.38
CA VAL A 151 -10.67 8.18 9.23
C VAL A 151 -11.18 7.33 10.40
N VAL A 152 -11.26 6.01 10.22
CA VAL A 152 -11.59 5.15 11.35
C VAL A 152 -10.55 5.32 12.46
N TYR A 153 -9.26 5.38 12.09
CA TYR A 153 -8.21 5.62 13.09
C TYR A 153 -8.40 6.97 13.77
N TYR A 154 -8.81 7.98 13.02
CA TYR A 154 -9.03 9.28 13.65
C TYR A 154 -10.15 9.22 14.68
N HIS A 155 -11.26 8.56 14.33
CA HIS A 155 -12.36 8.43 15.29
C HIS A 155 -11.93 7.58 16.49
N MET A 156 -11.04 6.62 16.27
CA MET A 156 -10.54 5.82 17.38
C MET A 156 -9.67 6.66 18.32
N LEU A 157 -8.84 7.54 17.74
CA LEU A 157 -8.03 8.44 18.55
C LEU A 157 -8.89 9.41 19.34
N GLN A 158 -9.99 9.87 18.74
CA GLN A 158 -10.86 10.83 19.43
C GLN A 158 -11.50 10.21 20.67
N GLY A 159 -11.56 8.89 20.75
CA GLY A 159 -11.93 8.24 21.99
C GLY A 159 -13.35 8.45 22.46
N THR A 160 -14.21 9.08 21.66
CA THR A 160 -15.61 9.24 22.08
C THR A 160 -16.40 7.98 21.76
N ILE A 161 -16.46 7.59 20.48
CA ILE A 161 -17.14 6.36 20.09
C ILE A 161 -16.46 5.16 20.70
N ASP A 162 -17.26 4.17 21.11
CA ASP A 162 -16.76 2.95 21.72
C ASP A 162 -16.44 1.93 20.62
N PHE A 163 -15.15 1.62 20.46
CA PHE A 163 -14.71 0.61 19.52
C PHE A 163 -14.40 -0.72 20.19
N HIS A 164 -14.64 -0.84 21.50
CA HIS A 164 -14.49 -2.13 22.17
C HIS A 164 -15.53 -3.10 21.61
N ARG A 165 -15.12 -4.37 21.48
CA ARG A 165 -15.97 -5.38 20.87
C ARG A 165 -15.83 -6.70 21.62
N GLU A 166 -16.96 -7.26 22.05
CA GLU A 166 -17.03 -8.60 22.62
C GLU A 166 -17.91 -9.42 21.67
N GLN A 167 -17.33 -9.79 20.53
CA GLN A 167 -18.10 -10.27 19.39
C GLN A 167 -18.89 -11.54 19.70
N SER A 168 -18.52 -12.28 20.76
CA SER A 168 -19.26 -13.48 21.12
C SER A 168 -20.56 -13.17 21.87
N SER A 169 -20.71 -11.96 22.41
CA SER A 169 -21.93 -11.63 23.14
C SER A 169 -23.03 -11.10 22.22
N SER A 170 -22.68 -10.25 21.25
CA SER A 170 -23.63 -9.68 20.30
C SER A 170 -22.86 -9.24 19.08
N SER A 171 -23.59 -8.75 18.07
CA SER A 171 -22.99 -8.23 16.85
C SER A 171 -23.31 -6.76 16.76
N LYS A 172 -22.35 -5.97 16.26
CA LYS A 172 -22.55 -4.53 16.20
C LYS A 172 -22.25 -4.00 14.81
N VAL A 173 -22.90 -2.89 14.50
CA VAL A 173 -22.72 -2.16 13.26
C VAL A 173 -22.42 -0.71 13.62
N LEU A 174 -21.34 -0.17 13.07
CA LEU A 174 -20.86 1.16 13.40
C LEU A 174 -21.13 2.13 12.25
N LEU A 175 -21.77 3.25 12.56
CA LEU A 175 -22.01 4.29 11.58
C LEU A 175 -21.10 5.47 11.90
N LEU A 176 -20.28 5.87 10.93
CA LEU A 176 -19.43 7.05 11.01
C LEU A 176 -19.73 7.98 9.85
N PRO A 177 -19.61 9.30 10.03
CA PRO A 177 -19.97 10.23 8.96
C PRO A 177 -19.20 9.90 7.68
N CYS A 178 -19.92 9.87 6.56
CA CYS A 178 -19.38 9.70 5.21
C CYS A 178 -18.76 8.34 4.99
N LEU A 179 -19.15 7.33 5.74
CA LEU A 179 -18.73 5.94 5.56
C LEU A 179 -19.96 5.04 5.55
N PRO A 180 -19.92 3.92 4.83
CA PRO A 180 -21.04 2.96 4.90
C PRO A 180 -21.04 2.29 6.26
N PRO A 181 -22.17 1.68 6.67
CA PRO A 181 -22.15 0.94 7.94
C PRO A 181 -21.04 -0.10 7.95
N LEU A 182 -20.36 -0.22 9.09
CA LEU A 182 -19.25 -1.15 9.24
C LEU A 182 -19.63 -2.22 10.26
N GLU A 183 -19.72 -3.47 9.81
CA GLU A 183 -19.85 -4.59 10.75
C GLU A 183 -18.56 -4.75 11.53
N ASP A 184 -18.63 -5.61 12.56
CA ASP A 184 -17.44 -5.89 13.37
C ASP A 184 -16.29 -6.43 12.52
N ARG A 185 -16.60 -7.33 11.58
CA ARG A 185 -15.54 -7.87 10.72
C ARG A 185 -15.02 -6.86 9.70
N ASP A 186 -15.70 -5.72 9.53
CA ASP A 186 -15.25 -4.68 8.62
C ASP A 186 -14.25 -3.73 9.28
N LEU A 187 -14.19 -3.69 10.61
CA LEU A 187 -13.27 -2.81 11.31
C LEU A 187 -11.84 -3.28 11.11
N PRO A 188 -10.87 -2.37 11.26
CA PRO A 188 -9.47 -2.80 11.19
C PRO A 188 -9.18 -3.84 12.24
N GLU A 189 -8.32 -4.81 11.90
CA GLU A 189 -8.14 -6.01 12.69
C GLU A 189 -6.85 -5.90 13.49
N PHE A 190 -6.99 -5.78 14.83
CA PHE A 190 -5.84 -5.67 15.71
C PHE A 190 -5.65 -6.86 16.64
N ASP A 191 -6.72 -7.59 16.95
CA ASP A 191 -6.61 -8.72 17.88
C ASP A 191 -5.62 -9.77 17.39
N TYR A 192 -5.44 -9.90 16.06
CA TYR A 192 -4.45 -10.82 15.53
C TYR A 192 -3.11 -10.66 16.23
N PHE A 193 -2.76 -9.44 16.62
CA PHE A 193 -1.46 -9.16 17.22
C PHE A 193 -1.42 -9.49 18.71
N LYS A 194 -2.54 -9.93 19.27
CA LYS A 194 -2.61 -10.48 20.62
C LYS A 194 -2.04 -9.46 21.59
N GLU A 195 -0.92 -9.74 22.28
CA GLU A 195 -0.40 -8.84 23.30
C GLU A 195 0.05 -7.51 22.70
N ASP A 196 0.45 -7.51 21.43
CA ASP A 196 0.90 -6.31 20.74
C ASP A 196 -0.24 -5.58 20.03
N SER A 197 -1.50 -5.95 20.31
CA SER A 197 -2.61 -5.29 19.62
C SER A 197 -2.67 -3.81 19.95
N GLY A 198 -2.46 -3.44 21.22
CA GLY A 198 -2.46 -2.04 21.60
C GLY A 198 -1.36 -1.24 20.91
N PHE A 199 -0.18 -1.84 20.76
CA PHE A 199 0.92 -1.14 20.09
C PHE A 199 0.59 -0.85 18.63
N VAL A 200 0.15 -1.87 17.88
CA VAL A 200 -0.21 -1.66 16.48
C VAL A 200 -1.35 -0.67 16.37
N SER A 201 -2.31 -0.77 17.27
CA SER A 201 -3.40 0.19 17.34
C SER A 201 -2.88 1.61 17.52
N ASN A 202 -2.10 1.87 18.59
CA ASN A 202 -1.55 3.20 18.83
C ASN A 202 -0.81 3.75 17.63
N LEU A 203 -0.06 2.89 16.94
CA LEU A 203 0.79 3.36 15.85
C LEU A 203 -0.05 3.97 14.73
N LEU A 204 -1.23 3.40 14.46
CA LEU A 204 -2.07 3.95 13.40
C LEU A 204 -2.96 5.09 13.88
N LEU A 205 -3.39 5.06 15.15
CA LEU A 205 -4.11 6.20 15.72
C LEU A 205 -3.22 7.44 15.78
N ASN A 206 -1.93 7.26 16.11
CA ASN A 206 -1.04 8.40 16.33
C ASN A 206 -0.70 9.15 15.05
N GLN A 207 -1.08 8.61 13.89
CA GLN A 207 -0.93 9.35 12.63
C GLN A 207 -1.61 10.70 12.67
N PHE A 208 -2.65 10.84 13.50
CA PHE A 208 -3.44 12.06 13.59
C PHE A 208 -3.09 12.94 14.78
N LEU A 209 -2.03 12.61 15.53
CA LEU A 209 -1.68 13.41 16.70
C LEU A 209 -1.43 14.88 16.33
N ASN A 210 -0.74 15.13 15.22
CA ASN A 210 -0.35 16.48 14.83
C ASN A 210 -0.97 16.91 13.49
N ILE A 211 -2.13 16.31 13.13
CA ILE A 211 -2.66 16.44 11.77
C ILE A 211 -2.84 17.90 11.37
N ASP A 212 -3.10 18.77 12.33
CA ASP A 212 -3.35 20.17 12.00
C ASP A 212 -2.07 20.97 11.80
N LYS A 213 -0.91 20.41 12.17
CA LYS A 213 0.37 21.08 11.97
C LYS A 213 1.11 20.61 10.73
N ILE A 214 0.62 19.58 10.04
CA ILE A 214 1.31 19.08 8.84
C ILE A 214 1.14 20.08 7.70
N ASP A 215 2.23 20.34 6.97
CA ASP A 215 2.13 21.28 5.84
C ASP A 215 1.39 20.66 4.65
N TYR A 216 1.66 19.39 4.35
CA TYR A 216 0.98 18.70 3.28
C TYR A 216 0.55 17.32 3.76
N VAL A 217 -0.75 17.03 3.66
CA VAL A 217 -1.30 15.73 4.02
C VAL A 217 -1.60 14.98 2.73
N LEU A 218 -0.76 13.99 2.43
CA LEU A 218 -0.76 13.28 1.16
C LEU A 218 -1.37 11.90 1.33
N PHE A 219 -2.36 11.58 0.52
CA PHE A 219 -3.02 10.28 0.50
C PHE A 219 -2.85 9.65 -0.87
N ASN A 220 -2.43 8.39 -0.88
CA ASN A 220 -2.28 7.60 -2.10
C ASN A 220 -3.62 6.97 -2.47
N THR A 221 -4.49 7.79 -3.06
CA THR A 221 -5.83 7.40 -3.49
C THR A 221 -6.30 8.48 -4.45
N PHE A 222 -7.42 8.22 -5.13
CA PHE A 222 -8.00 9.24 -5.99
C PHE A 222 -9.42 9.57 -5.57
N GLU A 223 -9.79 10.84 -5.83
CA GLU A 223 -10.99 11.43 -5.25
C GLU A 223 -12.23 10.63 -5.62
N MET A 224 -12.34 10.23 -6.89
CA MET A 224 -13.54 9.55 -7.34
C MET A 224 -13.69 8.19 -6.66
N LEU A 225 -12.57 7.54 -6.34
CA LEU A 225 -12.65 6.27 -5.62
C LEU A 225 -13.27 6.47 -4.25
N GLU A 226 -12.98 7.60 -3.59
CA GLU A 226 -13.36 7.81 -2.20
C GLU A 226 -14.02 9.16 -2.01
N SER A 227 -14.97 9.50 -2.90
CA SER A 227 -15.53 10.85 -2.99
C SER A 227 -15.99 11.40 -1.65
N GLU A 228 -16.91 10.69 -0.98
CA GLU A 228 -17.57 11.23 0.19
C GLU A 228 -16.58 11.50 1.31
N ILE A 229 -15.74 10.51 1.62
CA ILE A 229 -14.89 10.65 2.79
C ILE A 229 -13.73 11.60 2.49
N ALA A 230 -13.21 11.60 1.25
CA ALA A 230 -12.15 12.52 0.88
C ALA A 230 -12.60 13.97 1.05
N ASN A 231 -13.81 14.28 0.55
CA ASN A 231 -14.41 15.61 0.77
C ASN A 231 -14.54 15.92 2.25
N TRP A 232 -15.02 14.97 3.06
CA TRP A 232 -15.09 15.16 4.50
C TRP A 232 -13.72 15.47 5.10
N MET A 233 -12.67 14.79 4.62
CA MET A 233 -11.34 15.05 5.15
C MET A 233 -10.73 16.31 4.56
N SER A 234 -11.06 16.63 3.31
CA SER A 234 -10.57 17.86 2.71
C SER A 234 -11.14 19.08 3.42
N ASN A 235 -12.43 19.03 3.80
CA ASN A 235 -13.02 20.11 4.58
C ASN A 235 -12.31 20.27 5.92
N LYS A 236 -11.94 19.17 6.55
CA LYS A 236 -11.38 19.20 7.89
C LYS A 236 -9.89 19.54 7.88
N TRP A 237 -9.11 18.88 7.01
CA TRP A 237 -7.64 18.97 7.09
C TRP A 237 -6.97 19.37 5.79
N LYS A 238 -7.73 19.68 4.74
CA LYS A 238 -7.17 20.12 3.46
C LYS A 238 -6.16 19.10 2.92
N ILE A 239 -6.64 17.88 2.73
CA ILE A 239 -5.78 16.80 2.27
C ILE A 239 -5.61 16.88 0.76
N LEU A 240 -4.56 16.24 0.28
CA LEU A 240 -4.28 16.11 -1.15
C LEU A 240 -4.28 14.64 -1.52
N THR A 241 -5.25 14.22 -2.33
CA THR A 241 -5.30 12.88 -2.88
C THR A 241 -4.49 12.89 -4.17
N ILE A 242 -3.41 12.10 -4.19
CA ILE A 242 -2.36 12.17 -5.21
C ILE A 242 -2.14 10.81 -5.88
N GLY A 243 -3.07 9.87 -5.69
CA GLY A 243 -2.85 8.50 -6.09
C GLY A 243 -3.62 8.08 -7.34
N PRO A 244 -3.31 6.87 -7.89
CA PRO A 244 -2.20 6.02 -7.47
C PRO A 244 -0.87 6.64 -7.84
N THR A 245 0.12 6.56 -6.95
CA THR A 245 1.44 7.05 -7.30
C THR A 245 2.14 6.12 -8.30
N ALA A 246 1.77 4.83 -8.33
CA ALA A 246 2.23 3.96 -9.39
C ALA A 246 1.78 4.54 -10.74
N PRO A 247 2.57 4.35 -11.79
CA PRO A 247 2.24 4.97 -13.08
C PRO A 247 1.25 4.12 -13.88
N THR A 248 0.54 4.80 -14.76
CA THR A 248 -0.23 4.08 -15.77
C THR A 248 0.73 3.35 -16.72
N ALA A 249 0.19 2.46 -17.54
CA ALA A 249 1.01 1.67 -18.47
C ALA A 249 1.85 2.53 -19.42
N TYR A 258 7.89 2.38 -13.60
CA TYR A 258 7.80 1.11 -12.89
C TYR A 258 9.02 0.88 -11.99
N LEU A 259 8.86 0.01 -11.00
CA LEU A 259 9.98 -0.46 -10.20
C LEU A 259 10.52 -1.74 -10.79
N PHE A 260 11.85 -1.88 -10.80
CA PHE A 260 12.51 -3.12 -11.18
C PHE A 260 12.32 -4.12 -10.04
N GLU A 261 11.44 -5.10 -10.24
CA GLU A 261 11.28 -6.18 -9.27
C GLU A 261 12.01 -7.43 -9.76
N THR A 262 12.21 -8.37 -8.85
CA THR A 262 12.86 -9.63 -9.17
C THR A 262 11.92 -10.54 -9.96
N ASN A 263 12.51 -11.46 -10.71
CA ASN A 263 11.79 -12.50 -11.46
C ASN A 263 10.91 -11.93 -12.57
N THR A 264 11.23 -10.73 -13.06
CA THR A 264 10.39 -10.09 -14.05
C THR A 264 10.34 -10.92 -15.35
N GLU A 265 11.50 -11.21 -15.93
CA GLU A 265 11.53 -11.98 -17.17
C GLU A 265 10.87 -13.35 -17.00
N VAL A 266 11.13 -14.02 -15.87
CA VAL A 266 10.52 -15.33 -15.66
C VAL A 266 9.00 -15.24 -15.69
N CYS A 267 8.45 -14.26 -14.96
CA CYS A 267 7.00 -14.18 -14.82
C CYS A 267 6.36 -13.72 -16.11
N MET A 268 7.00 -12.78 -16.82
CA MET A 268 6.47 -12.30 -18.09
C MET A 268 6.51 -13.39 -19.16
N LYS A 269 7.60 -14.16 -19.21
CA LYS A 269 7.64 -15.26 -20.17
C LYS A 269 6.53 -16.26 -19.90
N TRP A 270 6.41 -16.71 -18.65
CA TRP A 270 5.37 -17.68 -18.29
C TRP A 270 3.99 -17.15 -18.64
N LEU A 271 3.69 -15.90 -18.27
CA LEU A 271 2.37 -15.36 -18.56
C LEU A 271 2.12 -15.19 -20.05
N ASP A 272 3.18 -14.86 -20.83
CA ASP A 272 3.06 -14.76 -22.29
C ASP A 272 2.69 -16.08 -22.93
N GLU A 273 2.96 -17.21 -22.27
CA GLU A 273 2.65 -18.50 -22.86
C GLU A 273 1.28 -19.04 -22.41
N ARG A 274 0.53 -18.27 -21.64
CA ARG A 274 -0.81 -18.68 -21.23
C ARG A 274 -1.87 -18.00 -22.09
N GLU A 275 -3.05 -18.61 -22.13
CA GLU A 275 -4.22 -18.01 -22.76
C GLU A 275 -4.61 -16.70 -22.07
N PRO A 276 -5.18 -15.74 -22.82
CA PRO A 276 -5.70 -14.54 -22.16
C PRO A 276 -6.76 -14.89 -21.13
N ASN A 277 -6.82 -14.11 -20.05
CA ASN A 277 -7.87 -14.24 -19.03
C ASN A 277 -7.96 -15.67 -18.50
N SER A 278 -6.80 -16.27 -18.21
CA SER A 278 -6.78 -17.65 -17.76
C SER A 278 -6.05 -17.89 -16.44
N VAL A 279 -5.45 -16.87 -15.82
CA VAL A 279 -4.53 -17.07 -14.71
C VAL A 279 -5.11 -16.42 -13.46
N ILE A 280 -5.18 -17.18 -12.37
CA ILE A 280 -5.44 -16.62 -11.06
C ILE A 280 -4.10 -16.21 -10.45
N TYR A 281 -3.92 -14.92 -10.18
CA TYR A 281 -2.71 -14.43 -9.53
C TYR A 281 -2.94 -14.36 -8.03
N VAL A 282 -2.04 -14.98 -7.27
CA VAL A 282 -2.20 -15.13 -5.83
C VAL A 282 -1.00 -14.52 -5.12
N SER A 283 -1.26 -13.58 -4.22
CA SER A 283 -0.22 -12.98 -3.39
C SER A 283 -0.80 -12.49 -2.07
N PHE A 284 -0.08 -12.74 -0.98
CA PHE A 284 -0.44 -12.20 0.32
C PHE A 284 0.54 -11.13 0.77
N GLY A 285 1.22 -10.49 -0.18
CA GLY A 285 2.03 -9.33 0.16
C GLY A 285 3.39 -9.73 0.68
N SER A 286 4.07 -8.77 1.31
CA SER A 286 5.45 -8.96 1.76
C SER A 286 5.59 -9.37 3.23
N ILE A 287 4.54 -9.25 4.06
CA ILE A 287 4.65 -9.43 5.50
C ILE A 287 3.80 -10.60 6.01
N ALA A 288 2.57 -10.72 5.54
CA ALA A 288 1.64 -11.70 6.10
C ALA A 288 2.20 -13.11 5.96
N SER A 289 1.91 -13.94 6.96
CA SER A 289 2.39 -15.32 6.98
C SER A 289 1.22 -16.22 7.37
N LEU A 290 0.86 -17.12 6.47
CA LEU A 290 -0.31 -17.97 6.67
C LEU A 290 0.08 -19.26 7.39
N THR A 291 -0.88 -19.81 8.12
CA THR A 291 -0.63 -21.07 8.80
C THR A 291 -0.51 -22.20 7.78
N GLU A 292 0.14 -23.29 8.20
CA GLU A 292 0.25 -24.47 7.35
C GLU A 292 -1.11 -24.95 6.88
N GLN A 293 -2.12 -24.88 7.76
CA GLN A 293 -3.46 -25.33 7.39
C GLN A 293 -4.06 -24.41 6.32
N GLN A 294 -3.95 -23.10 6.50
CA GLN A 294 -4.44 -22.18 5.48
C GLN A 294 -3.73 -22.38 4.15
N MET A 295 -2.41 -22.57 4.16
CA MET A 295 -1.68 -22.82 2.92
C MET A 295 -2.18 -24.09 2.22
N GLU A 296 -2.56 -25.10 2.99
CA GLU A 296 -3.06 -26.33 2.39
C GLU A 296 -4.45 -26.14 1.77
N GLU A 297 -5.32 -25.36 2.40
CA GLU A 297 -6.62 -25.08 1.79
C GLU A 297 -6.44 -24.37 0.46
N ILE A 298 -5.55 -23.37 0.42
CA ILE A 298 -5.31 -22.60 -0.81
C ILE A 298 -4.72 -23.49 -1.89
N SER A 299 -3.70 -24.27 -1.51
CA SER A 299 -3.04 -25.18 -2.44
C SER A 299 -4.04 -26.11 -3.10
N GLN A 300 -4.93 -26.72 -2.29
CA GLN A 300 -5.85 -27.70 -2.84
C GLN A 300 -6.91 -27.05 -3.72
N ALA A 301 -7.31 -25.82 -3.43
CA ALA A 301 -8.17 -25.10 -4.36
C ALA A 301 -7.46 -24.85 -5.68
N LEU A 302 -6.24 -24.33 -5.64
CA LEU A 302 -5.55 -23.92 -6.86
C LEU A 302 -5.23 -25.09 -7.76
N PHE A 303 -4.96 -26.26 -7.18
CA PHE A 303 -4.58 -27.42 -7.95
C PHE A 303 -5.77 -28.15 -8.56
N THR A 304 -7.02 -27.72 -8.24
CA THR A 304 -8.23 -28.33 -8.79
C THR A 304 -9.13 -27.37 -9.54
N THR A 305 -8.89 -26.06 -9.49
CA THR A 305 -9.73 -25.09 -10.19
C THR A 305 -9.48 -25.17 -11.70
N ASN A 306 -10.44 -24.67 -12.48
CA ASN A 306 -10.28 -24.66 -13.95
C ASN A 306 -9.49 -23.45 -14.46
N PHE A 307 -8.39 -23.09 -13.82
CA PHE A 307 -7.61 -21.93 -14.23
C PHE A 307 -6.15 -22.22 -13.99
N ASN A 308 -5.30 -21.50 -14.72
CA ASN A 308 -3.89 -21.52 -14.38
C ASN A 308 -3.68 -20.63 -13.16
N PHE A 309 -2.53 -20.77 -12.50
CA PHE A 309 -2.28 -19.91 -11.35
C PHE A 309 -0.82 -19.51 -11.27
N LEU A 310 -0.60 -18.29 -10.80
CA LEU A 310 0.72 -17.78 -10.45
C LEU A 310 0.62 -17.37 -8.99
N TRP A 311 1.35 -18.08 -8.14
CA TRP A 311 1.20 -17.96 -6.69
C TRP A 311 2.56 -17.55 -6.11
N VAL A 312 2.62 -16.38 -5.48
CA VAL A 312 3.84 -15.95 -4.82
C VAL A 312 3.85 -16.56 -3.41
N VAL A 313 4.83 -17.42 -3.14
CA VAL A 313 5.11 -17.87 -1.77
C VAL A 313 6.53 -17.41 -1.45
N ARG A 314 6.65 -16.44 -0.55
CA ARG A 314 7.95 -15.92 -0.16
C ARG A 314 8.83 -17.05 0.36
N GLU A 315 10.13 -16.91 0.12
CA GLU A 315 11.13 -17.88 0.60
C GLU A 315 10.87 -18.31 2.05
N GLU A 316 10.77 -17.36 2.97
CA GLU A 316 10.59 -17.71 4.37
C GLU A 316 9.23 -18.35 4.66
N GLU A 317 8.37 -18.54 3.64
CA GLU A 317 7.08 -19.19 3.83
C GLU A 317 6.95 -20.52 3.10
N ARG A 318 7.98 -20.93 2.35
CA ARG A 318 7.89 -22.15 1.55
C ARG A 318 7.71 -23.39 2.42
N THR A 319 8.36 -23.42 3.60
CA THR A 319 8.26 -24.61 4.45
C THR A 319 6.84 -24.83 5.00
N LYS A 320 6.01 -23.79 5.01
CA LYS A 320 4.62 -23.93 5.44
C LYS A 320 3.73 -24.50 4.35
N LEU A 321 4.24 -24.69 3.13
CA LEU A 321 3.49 -25.32 2.07
C LEU A 321 3.18 -26.77 2.44
N PRO A 322 2.18 -27.38 1.79
CA PRO A 322 1.84 -28.77 2.12
C PRO A 322 2.98 -29.74 1.84
N ASN A 323 2.97 -30.85 2.58
CA ASN A 323 4.01 -31.87 2.47
C ASN A 323 4.19 -32.34 1.02
N CYS A 324 3.08 -32.50 0.30
CA CYS A 324 3.18 -33.02 -1.07
C CYS A 324 3.76 -32.00 -2.06
N LEU A 325 4.38 -30.89 -1.66
CA LEU A 325 4.95 -29.94 -2.62
C LEU A 325 6.47 -29.81 -2.45
N ASN A 334 12.40 -24.30 -0.29
CA ASN A 334 13.77 -24.10 -0.77
C ASN A 334 13.84 -23.61 -2.22
N PRO A 335 13.25 -24.33 -3.19
CA PRO A 335 13.45 -23.94 -4.61
C PRO A 335 12.84 -22.58 -4.91
N SER A 336 13.58 -21.77 -5.68
CA SER A 336 13.14 -20.42 -5.94
C SER A 336 11.84 -20.39 -6.73
N SER A 337 11.61 -21.39 -7.58
CA SER A 337 10.36 -21.50 -8.29
C SER A 337 10.09 -22.97 -8.58
N GLU A 338 8.81 -23.28 -8.79
CA GLU A 338 8.36 -24.63 -9.10
C GLU A 338 7.22 -24.51 -10.08
N SER A 339 7.20 -25.41 -11.06
CA SER A 339 6.17 -25.45 -12.08
C SER A 339 5.34 -26.71 -11.90
N PHE A 340 4.08 -26.63 -12.30
CA PHE A 340 3.11 -27.67 -12.03
C PHE A 340 2.16 -27.83 -13.21
N THR A 341 1.78 -29.07 -13.48
CA THR A 341 0.52 -29.35 -14.14
C THR A 341 -0.46 -29.75 -13.04
N THR A 342 -1.62 -29.10 -13.01
CA THR A 342 -2.60 -29.29 -11.94
C THR A 342 -3.51 -30.48 -12.25
N ALA A 343 -4.33 -30.84 -11.25
CA ALA A 343 -5.25 -31.96 -11.40
C ALA A 343 -6.41 -31.62 -12.30
N ALA A 344 -6.57 -30.36 -12.68
CA ALA A 344 -7.55 -29.94 -13.67
C ALA A 344 -6.94 -29.78 -15.07
N GLY A 345 -5.70 -30.22 -15.26
CA GLY A 345 -5.03 -30.04 -16.53
C GLY A 345 -4.45 -28.67 -16.79
N LYS A 346 -4.51 -27.75 -15.84
CA LYS A 346 -3.95 -26.41 -16.02
C LYS A 346 -2.50 -26.34 -15.54
N LEU A 347 -1.92 -25.14 -15.62
CA LEU A 347 -0.52 -24.90 -15.31
C LEU A 347 -0.40 -23.97 -14.12
N GLY A 348 0.56 -24.26 -13.26
CA GLY A 348 0.82 -23.42 -12.11
C GLY A 348 2.29 -23.10 -12.00
N LEU A 349 2.56 -21.96 -11.38
CA LEU A 349 3.92 -21.49 -11.12
C LEU A 349 3.93 -20.95 -9.71
N ILE A 350 4.79 -21.50 -8.86
CA ILE A 350 5.02 -20.98 -7.51
C ILE A 350 6.38 -20.33 -7.51
N ILE A 351 6.46 -19.10 -7.04
CA ILE A 351 7.65 -18.28 -7.18
C ILE A 351 7.78 -17.41 -5.94
N ASN A 352 9.02 -17.04 -5.62
CA ASN A 352 9.27 -16.32 -4.37
C ASN A 352 8.91 -14.84 -4.45
N TRP A 353 8.75 -14.30 -5.65
CA TRP A 353 8.49 -12.87 -5.84
C TRP A 353 8.22 -12.64 -7.32
N CYS A 354 7.48 -11.58 -7.62
CA CYS A 354 7.11 -11.26 -8.99
C CYS A 354 7.03 -9.74 -9.14
N PRO A 355 7.11 -9.22 -10.38
CA PRO A 355 6.78 -7.81 -10.61
C PRO A 355 5.28 -7.61 -10.57
N GLN A 356 4.73 -7.26 -9.39
CA GLN A 356 3.27 -7.35 -9.22
C GLN A 356 2.53 -6.47 -10.21
N LEU A 357 3.00 -5.23 -10.40
CA LEU A 357 2.28 -4.31 -11.29
C LEU A 357 2.25 -4.83 -12.72
N ASP A 358 3.36 -5.43 -13.17
CA ASP A 358 3.40 -6.01 -14.51
C ASP A 358 2.53 -7.25 -14.62
N VAL A 359 2.50 -8.06 -13.56
CA VAL A 359 1.64 -9.22 -13.56
C VAL A 359 0.18 -8.78 -13.67
N LEU A 360 -0.24 -7.85 -12.80
CA LEU A 360 -1.63 -7.41 -12.75
C LEU A 360 -2.09 -6.85 -14.07
N ARG A 361 -1.19 -6.19 -14.81
CA ARG A 361 -1.53 -5.62 -16.11
C ARG A 361 -1.33 -6.60 -17.27
N HIS A 362 -0.98 -7.85 -17.00
CA HIS A 362 -0.88 -8.84 -18.07
C HIS A 362 -2.26 -9.34 -18.48
N GLU A 363 -2.48 -9.43 -19.79
CA GLU A 363 -3.75 -9.87 -20.34
C GLU A 363 -4.09 -11.31 -19.93
N SER A 364 -3.11 -12.09 -19.50
CA SER A 364 -3.36 -13.46 -19.09
C SER A 364 -4.09 -13.56 -17.77
N VAL A 365 -4.03 -12.52 -16.93
CA VAL A 365 -4.55 -12.61 -15.57
C VAL A 365 -6.06 -12.42 -15.57
N ALA A 366 -6.77 -13.40 -15.00
CA ALA A 366 -8.21 -13.35 -14.82
C ALA A 366 -8.63 -12.64 -13.54
N CYS A 367 -7.88 -12.85 -12.45
CA CYS A 367 -8.28 -12.27 -11.17
C CYS A 367 -7.11 -12.40 -10.20
N PHE A 368 -7.28 -11.75 -9.06
CA PHE A 368 -6.22 -11.51 -8.08
C PHE A 368 -6.77 -11.96 -6.73
N MET A 369 -6.27 -13.09 -6.21
CA MET A 369 -6.56 -13.49 -4.84
C MET A 369 -5.53 -12.80 -3.95
N THR A 370 -5.99 -11.88 -3.09
CA THR A 370 -5.12 -10.91 -2.43
C THR A 370 -5.46 -10.81 -0.95
N HIS A 371 -4.45 -10.46 -0.14
CA HIS A 371 -4.70 -10.16 1.27
C HIS A 371 -5.29 -8.76 1.48
N CYS A 372 -5.40 -7.97 0.41
CA CYS A 372 -6.01 -6.65 0.41
C CYS A 372 -5.17 -5.60 1.13
N GLY A 373 -3.85 -5.77 1.18
CA GLY A 373 -3.01 -4.62 1.48
C GLY A 373 -3.36 -3.46 0.56
N TRP A 374 -3.19 -2.22 1.03
CA TRP A 374 -3.71 -1.11 0.25
C TRP A 374 -3.00 -0.97 -1.09
N ASN A 375 -1.68 -1.20 -1.15
CA ASN A 375 -0.99 -1.09 -2.44
C ASN A 375 -1.53 -2.10 -3.44
N SER A 376 -1.68 -3.35 -3.02
CA SER A 376 -2.19 -4.39 -3.92
C SER A 376 -3.61 -4.07 -4.38
N THR A 377 -4.42 -3.53 -3.46
CA THR A 377 -5.78 -3.11 -3.78
C THR A 377 -5.78 -2.02 -4.83
N LEU A 378 -5.02 -0.94 -4.59
CA LEU A 378 -5.02 0.16 -5.53
C LEU A 378 -4.29 -0.20 -6.83
N GLU A 379 -3.25 -1.03 -6.76
CA GLU A 379 -2.63 -1.51 -8.00
C GLU A 379 -3.60 -2.36 -8.81
N ALA A 380 -4.39 -3.20 -8.15
CA ALA A 380 -5.41 -3.96 -8.87
C ALA A 380 -6.48 -3.04 -9.48
N ILE A 381 -6.97 -2.08 -8.69
CA ILE A 381 -7.92 -1.09 -9.21
C ILE A 381 -7.34 -0.41 -10.45
N SER A 382 -6.10 0.06 -10.35
CA SER A 382 -5.47 0.75 -11.46
C SER A 382 -5.22 -0.18 -12.64
N SER A 383 -5.38 -1.49 -12.47
CA SER A 383 -5.11 -2.43 -13.55
C SER A 383 -6.37 -3.10 -14.10
N GLY A 384 -7.52 -2.87 -13.48
CA GLY A 384 -8.76 -3.47 -13.96
C GLY A 384 -8.96 -4.91 -13.56
N VAL A 385 -8.37 -5.37 -12.46
CA VAL A 385 -8.37 -6.79 -12.13
C VAL A 385 -9.32 -7.01 -10.95
N PRO A 386 -10.35 -7.86 -11.10
CA PRO A 386 -11.20 -8.19 -9.94
C PRO A 386 -10.49 -9.09 -8.95
N MET A 387 -10.95 -9.03 -7.69
CA MET A 387 -10.24 -9.63 -6.58
C MET A 387 -11.05 -10.67 -5.83
N ILE A 388 -10.33 -11.64 -5.29
CA ILE A 388 -10.83 -12.54 -4.25
C ILE A 388 -10.13 -12.11 -2.98
N CYS A 389 -10.88 -11.59 -2.02
CA CYS A 389 -10.32 -10.95 -0.83
C CYS A 389 -10.14 -11.96 0.29
N VAL A 390 -8.90 -12.15 0.72
CA VAL A 390 -8.55 -12.98 1.87
C VAL A 390 -7.84 -12.11 2.90
N PRO A 391 -8.52 -11.12 3.50
CA PRO A 391 -7.82 -10.16 4.36
C PRO A 391 -7.26 -10.86 5.60
N GLN A 392 -6.14 -10.33 6.09
CA GLN A 392 -5.47 -10.90 7.26
C GLN A 392 -5.55 -9.99 8.48
N TRP A 393 -5.16 -8.72 8.38
CA TRP A 393 -5.20 -7.89 9.58
C TRP A 393 -5.11 -6.42 9.22
N VAL A 394 -5.16 -5.59 10.28
CA VAL A 394 -5.25 -4.13 10.21
C VAL A 394 -6.29 -3.70 9.18
N ASP A 395 -5.88 -2.91 8.19
CA ASP A 395 -6.83 -2.31 7.26
C ASP A 395 -7.28 -3.28 6.18
N GLN A 396 -6.72 -4.49 6.12
CA GLN A 396 -7.09 -5.41 5.05
C GLN A 396 -8.56 -5.78 5.12
N THR A 397 -9.11 -5.87 6.34
CA THR A 397 -10.53 -6.20 6.50
C THR A 397 -11.41 -5.07 5.96
N THR A 398 -11.13 -3.83 6.35
CA THR A 398 -11.87 -2.68 5.83
C THR A 398 -11.74 -2.57 4.32
N ASN A 399 -10.52 -2.75 3.81
CA ASN A 399 -10.29 -2.69 2.37
C ASN A 399 -11.15 -3.73 1.65
N ALA A 400 -11.21 -4.96 2.18
CA ALA A 400 -12.04 -6.00 1.60
C ALA A 400 -13.51 -5.60 1.59
N LYS A 401 -13.98 -5.01 2.69
CA LYS A 401 -15.36 -4.52 2.75
C LYS A 401 -15.65 -3.54 1.61
N PHE A 402 -14.72 -2.63 1.33
CA PHE A 402 -14.96 -1.68 0.25
C PHE A 402 -14.86 -2.35 -1.12
N ILE A 403 -13.86 -3.23 -1.31
CA ILE A 403 -13.73 -3.95 -2.57
C ILE A 403 -15.03 -4.68 -2.92
N GLN A 404 -15.62 -5.39 -1.95
CA GLN A 404 -16.82 -6.17 -2.26
C GLN A 404 -18.06 -5.29 -2.37
N ASP A 405 -18.32 -4.47 -1.36
CA ASP A 405 -19.64 -3.85 -1.21
C ASP A 405 -19.72 -2.41 -1.72
N VAL A 406 -18.60 -1.68 -1.84
CA VAL A 406 -18.62 -0.28 -2.26
C VAL A 406 -18.12 -0.12 -3.69
N TRP A 407 -16.89 -0.49 -3.96
CA TRP A 407 -16.37 -0.44 -5.32
C TRP A 407 -16.91 -1.59 -6.18
N LYS A 408 -17.27 -2.72 -5.57
CA LYS A 408 -17.91 -3.85 -6.25
C LYS A 408 -17.00 -4.45 -7.31
N ILE A 409 -15.77 -4.77 -6.92
CA ILE A 409 -14.77 -5.28 -7.85
C ILE A 409 -14.16 -6.56 -7.30
N GLY A 410 -14.83 -7.17 -6.33
CA GLY A 410 -14.34 -8.42 -5.78
C GLY A 410 -15.36 -9.03 -4.86
N VAL A 411 -15.02 -10.21 -4.36
CA VAL A 411 -15.82 -10.91 -3.36
C VAL A 411 -14.90 -11.29 -2.20
N ARG A 412 -15.40 -11.20 -0.97
CA ARG A 412 -14.64 -11.49 0.23
C ARG A 412 -14.94 -12.91 0.72
N VAL A 413 -13.90 -13.69 0.97
CA VAL A 413 -14.08 -15.04 1.49
C VAL A 413 -14.67 -14.98 2.89
N ASN A 414 -15.37 -16.04 3.27
CA ASN A 414 -15.90 -16.18 4.62
C ASN A 414 -15.06 -17.19 5.39
N ASN A 415 -14.59 -16.77 6.57
CA ASN A 415 -13.83 -17.67 7.42
C ASN A 415 -14.74 -18.73 8.02
N ASN A 416 -14.23 -19.96 8.13
CA ASN A 416 -15.03 -21.14 8.52
C ASN A 416 -15.78 -20.86 9.82
N ASN A 417 -15.05 -20.83 10.94
CA ASN A 417 -15.60 -20.21 12.13
C ASN A 417 -15.85 -18.74 11.84
N GLY A 418 -16.77 -18.13 12.58
CA GLY A 418 -17.17 -16.76 12.26
C GLY A 418 -16.06 -15.74 12.24
N GLU A 419 -14.84 -16.11 12.68
CA GLU A 419 -13.81 -15.16 13.07
C GLU A 419 -12.91 -14.76 11.92
N ASN A 420 -12.17 -13.67 12.16
CA ASN A 420 -11.20 -13.16 11.20
C ASN A 420 -9.97 -14.03 11.11
N GLY A 421 -9.53 -14.61 12.23
CA GLY A 421 -8.43 -15.55 12.25
C GLY A 421 -8.82 -16.98 11.94
N GLY A 422 -10.03 -17.19 11.46
CA GLY A 422 -10.49 -18.54 11.21
C GLY A 422 -10.07 -19.05 9.84
N LEU A 423 -9.98 -20.36 9.75
CA LEU A 423 -9.56 -20.99 8.50
C LEU A 423 -10.53 -20.66 7.38
N VAL A 424 -10.00 -20.41 6.20
CA VAL A 424 -10.77 -20.30 4.97
C VAL A 424 -10.56 -21.61 4.21
N LYS A 425 -11.65 -22.36 4.01
CA LYS A 425 -11.55 -23.69 3.42
C LYS A 425 -11.48 -23.63 1.90
N LYS A 426 -10.90 -24.68 1.32
CA LYS A 426 -10.77 -24.74 -0.14
C LYS A 426 -12.12 -24.61 -0.82
N GLU A 427 -13.15 -25.23 -0.25
CA GLU A 427 -14.49 -25.12 -0.80
C GLU A 427 -14.96 -23.68 -0.85
N GLU A 428 -14.65 -22.89 0.18
CA GLU A 428 -15.00 -21.47 0.15
C GLU A 428 -14.15 -20.71 -0.87
N ILE A 429 -12.85 -21.02 -0.95
CA ILE A 429 -12.01 -20.41 -1.99
C ILE A 429 -12.55 -20.77 -3.37
N GLU A 430 -12.84 -22.05 -3.58
CA GLU A 430 -13.46 -22.52 -4.83
C GLU A 430 -14.74 -21.75 -5.16
N ARG A 431 -15.63 -21.61 -4.17
CA ARG A 431 -16.85 -20.82 -4.37
C ARG A 431 -16.53 -19.42 -4.89
N CYS A 432 -15.52 -18.78 -4.32
CA CYS A 432 -15.21 -17.41 -4.72
C CYS A 432 -14.57 -17.36 -6.10
N ILE A 433 -13.74 -18.35 -6.45
CA ILE A 433 -13.20 -18.43 -7.81
C ILE A 433 -14.33 -18.56 -8.83
N LYS A 434 -15.28 -19.46 -8.57
CA LYS A 434 -16.37 -19.67 -9.52
C LYS A 434 -17.22 -18.42 -9.68
N GLU A 435 -17.43 -17.67 -8.59
CA GLU A 435 -18.22 -16.44 -8.71
C GLU A 435 -17.48 -15.38 -9.52
N VAL A 436 -16.22 -15.12 -9.18
CA VAL A 436 -15.50 -14.05 -9.88
C VAL A 436 -15.21 -14.46 -11.32
N CYS A 437 -14.82 -15.73 -11.53
CA CYS A 437 -14.23 -16.10 -12.82
C CYS A 437 -15.16 -16.85 -13.76
N GLU A 438 -16.24 -17.44 -13.28
CA GLU A 438 -17.11 -18.19 -14.15
C GLU A 438 -18.53 -17.66 -14.20
N SER A 439 -18.98 -16.93 -13.18
CA SER A 439 -20.37 -16.52 -13.07
C SER A 439 -20.61 -15.19 -13.78
N GLU A 440 -21.90 -14.92 -14.02
CA GLU A 440 -22.30 -13.66 -14.64
C GLU A 440 -22.09 -12.49 -13.68
N LYS A 441 -22.22 -12.72 -12.38
CA LYS A 441 -21.81 -11.72 -11.41
C LYS A 441 -20.35 -11.32 -11.61
N GLY A 442 -19.49 -12.31 -11.88
CA GLY A 442 -18.08 -12.02 -12.12
C GLY A 442 -17.85 -11.15 -13.34
N LYS A 443 -18.65 -11.36 -14.39
CA LYS A 443 -18.56 -10.47 -15.56
C LYS A 443 -18.93 -9.04 -15.17
N GLU A 444 -19.93 -8.90 -14.29
CA GLU A 444 -20.25 -7.57 -13.76
C GLU A 444 -19.09 -7.01 -12.95
N LEU A 445 -18.51 -7.82 -12.05
CA LEU A 445 -17.37 -7.34 -11.26
C LEU A 445 -16.24 -6.88 -12.17
N LYS A 446 -16.03 -7.58 -13.29
CA LYS A 446 -14.97 -7.21 -14.21
C LYS A 446 -15.32 -5.93 -14.96
N ARG A 447 -16.59 -5.76 -15.36
CA ARG A 447 -17.03 -4.49 -15.93
C ARG A 447 -16.79 -3.34 -14.97
N ASN A 448 -17.15 -3.52 -13.68
CA ASN A 448 -16.91 -2.50 -12.66
C ASN A 448 -15.43 -2.19 -12.53
N ALA A 449 -14.58 -3.21 -12.66
CA ALA A 449 -13.15 -3.00 -12.47
C ALA A 449 -12.54 -2.22 -13.62
N MET A 450 -13.00 -2.43 -14.85
CA MET A 450 -12.50 -1.63 -15.96
C MET A 450 -12.97 -0.18 -15.87
N LYS A 451 -14.17 0.04 -15.32
CA LYS A 451 -14.64 1.39 -15.03
C LYS A 451 -13.71 2.10 -14.04
N TRP A 452 -13.43 1.45 -12.91
CA TRP A 452 -12.50 2.04 -11.95
C TRP A 452 -11.10 2.19 -12.53
N LYS A 453 -10.70 1.30 -13.44
CA LYS A 453 -9.39 1.45 -14.07
C LYS A 453 -9.33 2.75 -14.85
N ASP A 454 -10.36 3.03 -15.66
CA ASP A 454 -10.42 4.27 -16.42
C ASP A 454 -10.43 5.49 -15.50
N LEU A 455 -11.16 5.41 -14.39
CA LEU A 455 -11.25 6.57 -13.49
C LEU A 455 -9.92 6.83 -12.78
N SER A 456 -9.17 5.77 -12.42
CA SER A 456 -7.86 6.01 -11.84
C SER A 456 -6.89 6.57 -12.87
N LYS A 457 -7.01 6.12 -14.13
CA LYS A 457 -6.18 6.71 -15.18
C LYS A 457 -6.54 8.18 -15.38
N GLU A 458 -7.83 8.51 -15.31
CA GLU A 458 -8.24 9.90 -15.46
C GLU A 458 -7.73 10.78 -14.34
N ALA A 459 -7.61 10.22 -13.12
CA ALA A 459 -7.20 11.01 -11.97
C ALA A 459 -5.74 11.46 -12.07
N VAL A 460 -4.88 10.63 -12.66
CA VAL A 460 -3.47 10.97 -12.76
C VAL A 460 -3.08 11.52 -14.13
N SER A 461 -4.04 11.73 -15.02
CA SER A 461 -3.76 12.39 -16.28
C SER A 461 -3.97 13.89 -16.13
N GLU A 462 -3.54 14.64 -17.16
CA GLU A 462 -3.55 16.09 -17.08
C GLU A 462 -4.96 16.58 -16.79
N GLY A 463 -5.09 17.39 -15.76
CA GLY A 463 -6.38 17.89 -15.37
C GLY A 463 -7.21 16.97 -14.49
N GLY A 464 -6.72 15.75 -14.20
CA GLY A 464 -7.37 14.92 -13.20
C GLY A 464 -7.06 15.39 -11.79
N SER A 465 -7.90 14.95 -10.84
CA SER A 465 -7.80 15.45 -9.46
C SER A 465 -6.45 15.13 -8.83
N SER A 466 -5.92 13.93 -9.08
CA SER A 466 -4.63 13.56 -8.49
C SER A 466 -3.48 14.31 -9.15
N ASP A 467 -3.54 14.45 -10.48
CA ASP A 467 -2.54 15.27 -11.19
C ASP A 467 -2.56 16.70 -10.68
N THR A 468 -3.75 17.26 -10.52
CA THR A 468 -3.88 18.63 -9.99
C THR A 468 -3.35 18.72 -8.57
N ASN A 469 -3.71 17.76 -7.71
CA ASN A 469 -3.28 17.84 -6.32
C ASN A 469 -1.77 17.72 -6.21
N LEU A 470 -1.16 16.79 -6.94
CA LEU A 470 0.29 16.65 -6.87
C LEU A 470 1.01 17.87 -7.45
N GLU A 471 0.42 18.51 -8.47
CA GLU A 471 0.96 19.77 -8.99
C GLU A 471 0.79 20.89 -7.97
N TYR A 472 -0.32 20.89 -7.22
CA TYR A 472 -0.47 21.89 -6.18
C TYR A 472 0.67 21.79 -5.17
N PHE A 473 0.98 20.56 -4.75
CA PHE A 473 2.13 20.31 -3.89
C PHE A 473 3.41 20.86 -4.50
N ALA A 474 3.70 20.48 -5.75
CA ALA A 474 4.95 20.85 -6.41
C ALA A 474 5.06 22.37 -6.65
N SER A 475 4.00 22.99 -7.17
CA SER A 475 4.04 24.42 -7.47
C SER A 475 4.26 25.25 -6.20
N THR A 476 3.57 24.91 -5.12
CA THR A 476 3.64 25.70 -3.91
C THR A 476 4.97 25.52 -3.20
N LEU A 477 5.69 24.43 -3.48
CA LEU A 477 7.06 24.32 -2.99
C LEU A 477 7.93 25.44 -3.57
N LEU A 478 7.60 25.94 -4.76
CA LEU A 478 8.41 26.96 -5.38
C LEU A 478 8.11 28.38 -4.90
N PHE A 479 6.99 28.58 -4.19
CA PHE A 479 6.54 29.93 -3.86
C PHE A 479 7.50 30.65 -2.95
N TYR A 480 7.65 31.95 -3.20
CA TYR A 480 8.24 32.88 -2.24
C TYR A 480 7.12 33.33 -1.30
#